data_4JOH
#
_entry.id   4JOH
#
_cell.length_a   36.083
_cell.length_b   47.603
_cell.length_c   97.838
_cell.angle_alpha   90.00
_cell.angle_beta   90.00
_cell.angle_gamma   90.00
#
_symmetry.space_group_name_H-M   'P 21 21 21'
#
loop_
_entity.id
_entity.type
_entity.pdbx_description
1 polymer 'Golgi-associated PDZ and coiled-coil motif-containing protein'
2 polymer 'H-iCAL36 peptide'
3 non-polymer GLYCEROL
4 water water
#
loop_
_entity_poly.entity_id
_entity_poly.type
_entity_poly.pdbx_seq_one_letter_code
_entity_poly.pdbx_strand_id
1 'polypeptide(L)'
;GPIRKVLLLKEDHEGLGISITGGKEHGVPILISEIHPGQPADRCGGLHVGDAILAVNGVNLRDTKHKEAVTILSQQRGEI
EFEVVYV
;
A,B
2 'polypeptide(L)' ANSRHPTSII C,D
#
# COMPACT_ATOMS: atom_id res chain seq x y z
N GLY A 1 -9.59 8.43 4.47
CA GLY A 1 -10.32 7.35 3.84
C GLY A 1 -9.49 6.08 3.82
N PRO A 2 -10.09 4.97 3.38
CA PRO A 2 -9.40 3.67 3.39
C PRO A 2 -8.56 3.45 2.17
N ILE A 3 -7.59 2.54 2.28
CA ILE A 3 -6.87 2.11 1.10
C ILE A 3 -7.85 1.45 0.12
N ARG A 4 -7.69 1.77 -1.16
CA ARG A 4 -8.45 1.12 -2.21
C ARG A 4 -7.46 0.54 -3.21
N LYS A 5 -7.77 -0.62 -3.76
CA LYS A 5 -7.06 -1.13 -4.93
C LYS A 5 -7.97 -0.93 -6.14
N VAL A 6 -7.45 -0.25 -7.15
CA VAL A 6 -8.23 0.16 -8.30
C VAL A 6 -7.59 -0.37 -9.57
N LEU A 7 -8.39 -0.98 -10.45
CA LEU A 7 -7.87 -1.43 -11.74
C LEU A 7 -8.06 -0.37 -12.82
N LEU A 8 -7.06 -0.26 -13.67
CA LEU A 8 -7.08 0.64 -14.81
C LEU A 8 -6.68 -0.20 -16.01
N LEU A 9 -7.39 -0.05 -17.12
CA LEU A 9 -6.99 -0.72 -18.35
C LEU A 9 -6.38 0.28 -19.33
N LYS A 10 -5.11 0.07 -19.66
CA LYS A 10 -4.36 0.98 -20.52
C LYS A 10 -4.02 0.26 -21.82
N GLU A 11 -4.41 0.85 -22.94
CA GLU A 11 -3.98 0.32 -24.23
C GLU A 11 -2.55 0.78 -24.47
N ASP A 12 -1.81 0.03 -25.27
CA ASP A 12 -0.40 0.34 -25.49
C ASP A 12 -0.19 1.72 -26.10
N HIS A 13 -1.16 2.20 -26.87
CA HIS A 13 -1.03 3.46 -27.58
C HIS A 13 -1.41 4.69 -26.75
N GLU A 14 -1.81 4.48 -25.49
CA GLU A 14 -2.24 5.62 -24.70
C GLU A 14 -1.53 5.71 -23.36
N GLY A 15 -1.50 6.93 -22.82
CA GLY A 15 -0.99 7.14 -21.47
C GLY A 15 -2.06 6.83 -20.46
N LEU A 16 -1.69 6.85 -19.18
CA LEU A 16 -2.64 6.61 -18.10
C LEU A 16 -3.64 7.76 -17.93
N GLY A 17 -3.20 8.97 -18.25
CA GLY A 17 -4.04 10.15 -18.11
C GLY A 17 -4.03 10.72 -16.71
N ILE A 18 -2.84 10.84 -16.13
CA ILE A 18 -2.69 11.29 -14.75
C ILE A 18 -1.52 12.25 -14.65
N SER A 19 -1.70 13.37 -13.95
CA SER A 19 -0.59 14.22 -13.58
C SER A 19 -0.17 13.86 -12.16
N ILE A 20 1.14 13.83 -11.95
CA ILE A 20 1.73 13.38 -10.71
C ILE A 20 2.58 14.48 -10.08
N THR A 21 2.44 14.69 -8.77
CA THR A 21 3.38 15.52 -8.02
C THR A 21 3.87 14.74 -6.81
N GLY A 22 4.82 15.31 -6.07
CA GLY A 22 5.27 14.72 -4.82
C GLY A 22 6.36 13.68 -4.99
N GLY A 23 6.60 12.93 -3.91
CA GLY A 23 7.68 11.97 -3.89
C GLY A 23 8.61 12.18 -2.71
N LYS A 24 9.51 11.22 -2.50
CA LYS A 24 10.35 11.17 -1.31
C LYS A 24 11.11 12.48 -1.06
N GLU A 25 11.62 13.09 -2.11
CA GLU A 25 12.46 14.27 -1.92
C GLU A 25 11.66 15.47 -1.46
N HIS A 26 10.33 15.37 -1.59
CA HIS A 26 9.44 16.43 -1.15
C HIS A 26 8.82 16.14 0.20
N GLY A 27 9.11 14.96 0.74
CA GLY A 27 8.57 14.58 2.03
C GLY A 27 7.07 14.31 2.00
N VAL A 28 6.55 14.02 0.82
CA VAL A 28 5.13 13.70 0.66
C VAL A 28 4.95 12.54 -0.30
N PRO A 29 3.76 11.91 -0.29
CA PRO A 29 3.52 10.79 -1.18
C PRO A 29 3.55 11.20 -2.65
N ILE A 30 3.64 10.21 -3.53
CA ILE A 30 3.29 10.40 -4.93
C ILE A 30 1.80 10.69 -4.98
N LEU A 31 1.44 11.84 -5.55
CA LEU A 31 0.07 12.33 -5.49
C LEU A 31 -0.50 12.56 -6.87
N ILE A 32 -1.77 12.21 -7.04
CA ILE A 32 -2.46 12.53 -8.28
C ILE A 32 -2.91 13.99 -8.23
N SER A 33 -2.41 14.79 -9.16
CA SER A 33 -2.74 16.22 -9.17
C SER A 33 -3.77 16.57 -10.22
N GLU A 34 -3.90 15.72 -11.23
CA GLU A 34 -4.89 15.92 -12.28
C GLU A 34 -5.32 14.58 -12.84
N ILE A 35 -6.60 14.47 -13.15
CA ILE A 35 -7.11 13.33 -13.89
C ILE A 35 -7.61 13.85 -15.24
N HIS A 36 -7.01 13.37 -16.32
CA HIS A 36 -7.30 13.90 -17.65
C HIS A 36 -8.50 13.21 -18.32
N PRO A 37 -9.46 14.00 -18.81
CA PRO A 37 -10.72 13.48 -19.35
C PRO A 37 -10.57 12.46 -20.49
N GLY A 38 -11.32 11.35 -20.38
CA GLY A 38 -11.40 10.35 -21.42
C GLY A 38 -10.29 9.32 -21.44
N GLN A 39 -9.24 9.56 -20.64
CA GLN A 39 -8.12 8.64 -20.61
C GLN A 39 -8.35 7.58 -19.53
N PRO A 40 -7.50 6.54 -19.50
CA PRO A 40 -7.75 5.37 -18.65
C PRO A 40 -8.07 5.71 -17.19
N ALA A 41 -7.34 6.62 -16.56
CA ALA A 41 -7.59 6.92 -15.15
C ALA A 41 -8.99 7.52 -14.95
N ASP A 42 -9.39 8.43 -15.83
CA ASP A 42 -10.76 8.94 -15.80
C ASP A 42 -11.77 7.84 -16.04
N ARG A 43 -11.53 7.01 -17.06
CA ARG A 43 -12.49 5.98 -17.47
C ARG A 43 -12.75 4.96 -16.38
N CYS A 44 -11.73 4.63 -15.60
CA CYS A 44 -11.87 3.61 -14.57
C CYS A 44 -12.77 4.04 -13.42
N GLY A 45 -12.87 5.35 -13.20
CA GLY A 45 -13.79 5.90 -12.22
C GLY A 45 -13.35 5.82 -10.76
N GLY A 46 -12.18 5.24 -10.52
CA GLY A 46 -11.75 4.99 -9.15
C GLY A 46 -10.52 5.74 -8.67
N LEU A 47 -10.00 6.64 -9.51
CA LEU A 47 -8.85 7.45 -9.15
C LEU A 47 -9.22 8.92 -9.15
N HIS A 48 -8.80 9.63 -8.12
CA HIS A 48 -9.24 11.01 -7.94
C HIS A 48 -8.08 11.92 -7.57
N VAL A 49 -8.21 13.19 -7.94
CA VAL A 49 -7.22 14.18 -7.56
C VAL A 49 -7.11 14.19 -6.04
N GLY A 50 -5.88 14.17 -5.55
CA GLY A 50 -5.65 14.13 -4.12
C GLY A 50 -5.31 12.75 -3.59
N ASP A 51 -5.58 11.72 -4.39
CA ASP A 51 -5.20 10.36 -4.00
C ASP A 51 -3.68 10.24 -3.94
N ALA A 52 -3.19 9.57 -2.90
CA ALA A 52 -1.79 9.16 -2.85
C ALA A 52 -1.68 7.80 -3.50
N ILE A 53 -0.69 7.64 -4.37
CA ILE A 53 -0.39 6.33 -4.95
C ILE A 53 0.64 5.63 -4.07
N LEU A 54 0.18 4.63 -3.31
CA LEU A 54 1.03 3.90 -2.38
C LEU A 54 1.83 2.83 -3.12
N ALA A 55 1.22 2.25 -4.13
CA ALA A 55 1.88 1.18 -4.89
C ALA A 55 1.20 1.01 -6.23
N VAL A 56 1.92 0.46 -7.20
CA VAL A 56 1.33 0.12 -8.50
C VAL A 56 1.83 -1.27 -8.87
N ASN A 57 0.89 -2.15 -9.22
CA ASN A 57 1.20 -3.54 -9.50
C ASN A 57 2.17 -4.16 -8.50
N GLY A 58 1.97 -3.88 -7.22
CA GLY A 58 2.79 -4.47 -6.19
C GLY A 58 4.16 -3.87 -6.04
N VAL A 59 4.40 -2.73 -6.68
CA VAL A 59 5.62 -1.96 -6.46
C VAL A 59 5.33 -0.87 -5.44
N ASN A 60 5.94 -0.97 -4.26
CA ASN A 60 5.74 -0.01 -3.19
C ASN A 60 6.38 1.33 -3.54
N LEU A 61 5.55 2.37 -3.63
CA LEU A 61 6.06 3.71 -3.97
C LEU A 61 5.95 4.69 -2.80
N ARG A 62 5.84 4.16 -1.59
CA ARG A 62 5.69 5.01 -0.41
C ARG A 62 6.97 5.78 -0.09
N ASP A 63 8.11 5.27 -0.55
CA ASP A 63 9.38 5.91 -0.21
C ASP A 63 10.29 5.98 -1.42
N THR A 64 9.76 6.49 -2.52
CA THR A 64 10.47 6.56 -3.78
C THR A 64 10.44 7.99 -4.28
N LYS A 65 11.55 8.45 -4.86
CA LYS A 65 11.61 9.80 -5.41
C LYS A 65 10.71 9.94 -6.63
N HIS A 66 10.30 11.17 -6.89
CA HIS A 66 9.41 11.49 -7.99
C HIS A 66 9.78 10.80 -9.31
N LYS A 67 11.00 11.03 -9.78
CA LYS A 67 11.40 10.55 -11.10
C LYS A 67 11.30 9.03 -11.24
N GLU A 68 11.81 8.32 -10.25
CA GLU A 68 11.78 6.87 -10.28
C GLU A 68 10.37 6.32 -10.18
N ALA A 69 9.54 6.95 -9.35
CA ALA A 69 8.13 6.54 -9.27
C ALA A 69 7.44 6.71 -10.62
N VAL A 70 7.68 7.85 -11.25
CA VAL A 70 7.09 8.14 -12.55
C VAL A 70 7.57 7.13 -13.61
N THR A 71 8.85 6.80 -13.58
CA THR A 71 9.38 5.78 -14.48
C THR A 71 8.68 4.42 -14.28
N ILE A 72 8.57 3.96 -13.03
CA ILE A 72 7.88 2.71 -12.75
C ILE A 72 6.43 2.73 -13.24
N LEU A 73 5.74 3.82 -12.92
CA LEU A 73 4.36 3.97 -13.34
C LEU A 73 4.25 3.89 -14.87
N SER A 74 5.18 4.53 -15.57
N SER A 74 5.19 4.53 -15.56
CA SER A 74 5.12 4.61 -17.02
CA SER A 74 5.16 4.63 -17.01
C SER A 74 5.50 3.31 -17.72
C SER A 74 5.43 3.29 -17.68
N GLN A 75 6.11 2.39 -16.97
CA GLN A 75 6.45 1.08 -17.52
C GLN A 75 5.30 0.09 -17.47
N GLN A 76 4.24 0.41 -16.72
CA GLN A 76 3.15 -0.55 -16.55
C GLN A 76 2.31 -0.64 -17.82
N ARG A 77 1.79 -1.83 -18.08
N ARG A 77 1.78 -1.83 -18.07
CA ARG A 77 1.02 -2.08 -19.29
CA ARG A 77 1.01 -2.07 -19.29
C ARG A 77 -0.26 -2.85 -18.98
C ARG A 77 -0.22 -2.90 -19.02
N GLY A 78 -1.25 -2.70 -19.85
CA GLY A 78 -2.46 -3.50 -19.76
C GLY A 78 -3.34 -3.15 -18.58
N GLU A 79 -3.75 -4.17 -17.84
CA GLU A 79 -4.59 -3.99 -16.67
C GLU A 79 -3.70 -3.78 -15.47
N ILE A 80 -3.77 -2.58 -14.89
CA ILE A 80 -2.79 -2.11 -13.91
C ILE A 80 -3.50 -1.83 -12.59
N GLU A 81 -2.99 -2.41 -11.52
CA GLU A 81 -3.56 -2.19 -10.19
C GLU A 81 -2.86 -1.06 -9.44
N PHE A 82 -3.63 -0.05 -9.03
CA PHE A 82 -3.14 1.04 -8.21
C PHE A 82 -3.62 0.83 -6.80
N GLU A 83 -2.71 0.93 -5.83
CA GLU A 83 -3.09 0.95 -4.43
C GLU A 83 -3.04 2.40 -4.00
N VAL A 84 -4.21 2.97 -3.69
CA VAL A 84 -4.29 4.40 -3.40
C VAL A 84 -5.00 4.66 -2.08
N VAL A 85 -4.80 5.87 -1.56
CA VAL A 85 -5.50 6.28 -0.34
C VAL A 85 -5.70 7.78 -0.37
N TYR A 86 -6.87 8.21 0.07
CA TYR A 86 -7.14 9.63 0.29
C TYR A 86 -7.24 9.78 1.80
N VAL A 87 -6.16 10.25 2.42
CA VAL A 87 -6.09 10.26 3.88
C VAL A 87 -7.04 11.27 4.51
N GLY B 1 3.03 -11.23 25.98
CA GLY B 1 1.88 -12.12 26.07
C GLY B 1 2.08 -13.37 25.26
N PRO B 2 1.02 -14.18 25.12
CA PRO B 2 1.16 -15.44 24.37
C PRO B 2 1.17 -15.18 22.88
N ILE B 3 1.90 -16.00 22.13
CA ILE B 3 1.81 -15.93 20.68
C ILE B 3 0.42 -16.40 20.26
N ARG B 4 -0.18 -15.69 19.31
CA ARG B 4 -1.55 -15.97 18.88
C ARG B 4 -1.59 -16.12 17.35
N LYS B 5 -2.49 -16.98 16.86
CA LYS B 5 -2.79 -17.02 15.43
C LYS B 5 -4.15 -16.34 15.22
N VAL B 6 -4.22 -15.47 14.21
CA VAL B 6 -5.40 -14.66 13.97
C VAL B 6 -5.73 -14.72 12.48
N LEU B 7 -7.00 -14.95 12.15
CA LEU B 7 -7.45 -14.99 10.76
C LEU B 7 -8.04 -13.65 10.34
N LEU B 8 -7.65 -13.16 9.19
CA LEU B 8 -8.21 -11.93 8.63
C LEU B 8 -8.76 -12.25 7.25
N LEU B 9 -9.96 -11.74 6.95
CA LEU B 9 -10.57 -11.88 5.64
C LEU B 9 -10.60 -10.51 4.95
N LYS B 10 -10.04 -10.46 3.73
CA LYS B 10 -9.89 -9.22 3.00
C LYS B 10 -10.44 -9.43 1.60
N GLU B 11 -11.14 -8.45 1.07
CA GLU B 11 -11.53 -8.49 -0.33
C GLU B 11 -10.45 -7.84 -1.18
N ASP B 12 -10.46 -8.09 -2.48
CA ASP B 12 -9.34 -7.71 -3.30
C ASP B 12 -9.22 -6.19 -3.52
N HIS B 13 -10.30 -5.46 -3.26
CA HIS B 13 -10.28 -4.00 -3.44
C HIS B 13 -9.76 -3.26 -2.20
N GLU B 14 -9.46 -4.00 -1.13
CA GLU B 14 -9.08 -3.40 0.15
C GLU B 14 -7.63 -3.62 0.48
N GLY B 15 -7.09 -2.78 1.36
CA GLY B 15 -5.85 -3.08 2.05
C GLY B 15 -6.14 -3.86 3.33
N LEU B 16 -5.12 -4.03 4.15
CA LEU B 16 -5.28 -4.73 5.41
C LEU B 16 -5.97 -3.89 6.46
N GLY B 17 -5.82 -2.57 6.38
CA GLY B 17 -6.41 -1.69 7.37
C GLY B 17 -5.57 -1.53 8.62
N ILE B 18 -4.25 -1.55 8.46
CA ILE B 18 -3.35 -1.32 9.58
C ILE B 18 -2.27 -0.34 9.18
N SER B 19 -1.70 0.32 10.18
CA SER B 19 -0.43 0.97 10.01
C SER B 19 0.60 0.14 10.73
N ILE B 20 1.75 -0.06 10.10
CA ILE B 20 2.85 -0.74 10.75
C ILE B 20 4.03 0.19 10.92
N THR B 21 4.77 -0.01 12.00
CA THR B 21 6.01 0.70 12.23
C THR B 21 7.08 -0.32 12.57
N GLY B 22 8.33 0.12 12.60
CA GLY B 22 9.40 -0.78 13.01
C GLY B 22 10.07 -1.47 11.84
N GLY B 23 10.83 -2.50 12.17
CA GLY B 23 11.59 -3.23 11.18
C GLY B 23 13.00 -3.52 11.67
N LYS B 24 13.61 -4.54 11.07
CA LYS B 24 14.92 -5.03 11.50
C LYS B 24 15.97 -3.94 11.52
N GLU B 25 15.93 -3.04 10.55
CA GLU B 25 16.94 -2.00 10.44
C GLU B 25 16.89 -1.04 11.64
N HIS B 26 15.79 -1.07 12.36
CA HIS B 26 15.59 -0.24 13.55
C HIS B 26 15.71 -1.04 14.83
N GLY B 27 15.98 -2.33 14.71
CA GLY B 27 16.09 -3.20 15.86
C GLY B 27 14.80 -3.42 16.63
N VAL B 28 13.67 -3.24 15.94
CA VAL B 28 12.35 -3.44 16.55
C VAL B 28 11.49 -4.28 15.62
N PRO B 29 10.54 -5.03 16.18
CA PRO B 29 9.70 -5.87 15.31
C PRO B 29 8.78 -5.05 14.41
N ILE B 30 8.18 -5.71 13.43
CA ILE B 30 7.06 -5.07 12.72
C ILE B 30 5.90 -4.97 13.71
N LEU B 31 5.54 -3.75 14.05
CA LEU B 31 4.51 -3.48 15.05
C LEU B 31 3.29 -2.83 14.45
N ILE B 32 2.11 -3.27 14.88
CA ILE B 32 0.88 -2.59 14.49
C ILE B 32 0.73 -1.31 15.32
N SER B 33 0.79 -0.16 14.66
CA SER B 33 0.63 1.11 15.36
C SER B 33 -0.78 1.69 15.24
N GLU B 34 -1.52 1.24 14.24
CA GLU B 34 -2.91 1.68 14.06
C GLU B 34 -3.73 0.54 13.49
N ILE B 35 -4.96 0.43 13.97
CA ILE B 35 -5.99 -0.40 13.35
C ILE B 35 -7.05 0.57 12.85
N HIS B 36 -7.26 0.61 11.53
CA HIS B 36 -8.15 1.60 10.96
C HIS B 36 -9.61 1.15 10.99
N PRO B 37 -10.49 2.00 11.50
CA PRO B 37 -11.84 1.52 11.80
C PRO B 37 -12.58 1.08 10.54
N GLY B 38 -13.22 -0.08 10.63
CA GLY B 38 -14.07 -0.57 9.57
C GLY B 38 -13.35 -1.32 8.47
N GLN B 39 -12.01 -1.30 8.51
CA GLN B 39 -11.22 -2.02 7.51
C GLN B 39 -10.93 -3.46 7.97
N PRO B 40 -10.29 -4.28 7.11
CA PRO B 40 -10.32 -5.72 7.45
C PRO B 40 -9.70 -6.11 8.78
N ALA B 41 -8.60 -5.48 9.20
CA ALA B 41 -7.99 -5.84 10.47
C ALA B 41 -8.95 -5.58 11.63
N ASP B 42 -9.62 -4.43 11.59
CA ASP B 42 -10.61 -4.11 12.61
C ASP B 42 -11.72 -5.15 12.60
N ARG B 43 -12.23 -5.45 11.41
CA ARG B 43 -13.35 -6.37 11.27
C ARG B 43 -13.01 -7.78 11.76
N CYS B 44 -11.76 -8.21 11.59
CA CYS B 44 -11.40 -9.59 11.97
C CYS B 44 -11.43 -9.79 13.48
N GLY B 45 -11.23 -8.72 14.23
CA GLY B 45 -11.41 -8.75 15.68
C GLY B 45 -10.22 -9.16 16.55
N GLY B 46 -9.22 -9.78 15.95
CA GLY B 46 -8.12 -10.38 16.70
C GLY B 46 -6.79 -9.67 16.66
N LEU B 47 -6.72 -8.53 15.96
CA LEU B 47 -5.47 -7.79 15.84
C LEU B 47 -5.61 -6.46 16.53
N HIS B 48 -4.55 -6.02 17.21
CA HIS B 48 -4.64 -4.81 18.00
C HIS B 48 -3.36 -4.01 17.97
N VAL B 49 -3.51 -2.71 18.23
CA VAL B 49 -2.38 -1.81 18.33
C VAL B 49 -1.43 -2.36 19.38
N GLY B 50 -0.15 -2.43 19.04
CA GLY B 50 0.85 -2.94 19.95
C GLY B 50 1.25 -4.37 19.66
N ASP B 51 0.45 -5.06 18.84
CA ASP B 51 0.82 -6.39 18.40
C ASP B 51 2.05 -6.34 17.52
N ALA B 52 2.98 -7.25 17.74
CA ALA B 52 4.09 -7.49 16.83
C ALA B 52 3.68 -8.58 15.86
N ILE B 53 3.93 -8.36 14.57
CA ILE B 53 3.60 -9.36 13.58
C ILE B 53 4.80 -10.26 13.36
N LEU B 54 4.66 -11.50 13.80
CA LEU B 54 5.76 -12.46 13.72
C LEU B 54 5.81 -13.17 12.39
N ALA B 55 4.65 -13.39 11.78
CA ALA B 55 4.56 -14.05 10.49
C ALA B 55 3.20 -13.81 9.86
N VAL B 56 3.16 -13.95 8.54
CA VAL B 56 1.88 -13.87 7.83
C VAL B 56 1.83 -14.96 6.78
N ASN B 57 0.78 -15.77 6.82
CA ASN B 57 0.67 -16.91 5.93
C ASN B 57 1.93 -17.77 5.89
N GLY B 58 2.53 -17.97 7.06
CA GLY B 58 3.71 -18.80 7.18
C GLY B 58 5.00 -18.15 6.69
N VAL B 59 4.94 -16.88 6.33
CA VAL B 59 6.14 -16.13 5.99
C VAL B 59 6.67 -15.39 7.20
N ASN B 60 7.88 -15.72 7.64
CA ASN B 60 8.44 -15.09 8.83
C ASN B 60 8.65 -13.61 8.57
N LEU B 61 8.29 -12.81 9.57
CA LEU B 61 8.49 -11.37 9.52
C LEU B 61 9.35 -10.90 10.69
N ARG B 62 9.88 -11.84 11.48
CA ARG B 62 10.61 -11.48 12.69
C ARG B 62 11.88 -10.67 12.44
N ASP B 63 12.52 -10.90 11.30
CA ASP B 63 13.78 -10.23 11.04
C ASP B 63 13.72 -9.42 9.76
N THR B 64 12.52 -9.04 9.37
CA THR B 64 12.34 -8.30 8.13
C THR B 64 12.50 -6.80 8.32
N LYS B 65 13.09 -6.15 7.31
CA LYS B 65 13.15 -4.70 7.27
C LYS B 65 11.77 -4.13 6.97
N HIS B 66 11.57 -2.86 7.30
CA HIS B 66 10.27 -2.25 7.16
C HIS B 66 9.63 -2.47 5.78
N LYS B 67 10.36 -2.12 4.73
CA LYS B 67 9.80 -2.19 3.39
C LYS B 67 9.66 -3.62 2.88
N GLU B 68 10.50 -4.51 3.37
CA GLU B 68 10.34 -5.93 3.08
C GLU B 68 8.98 -6.37 3.60
N ALA B 69 8.68 -6.01 4.84
CA ALA B 69 7.40 -6.37 5.46
C ALA B 69 6.21 -5.77 4.72
N VAL B 70 6.34 -4.53 4.26
CA VAL B 70 5.27 -3.92 3.48
C VAL B 70 4.99 -4.75 2.22
N THR B 71 6.03 -5.12 1.50
CA THR B 71 5.85 -5.90 0.27
C THR B 71 5.19 -7.24 0.58
N ILE B 72 5.71 -7.93 1.58
CA ILE B 72 5.15 -9.23 1.93
C ILE B 72 3.68 -9.12 2.37
N LEU B 73 3.42 -8.20 3.29
CA LEU B 73 2.07 -8.03 3.80
C LEU B 73 1.05 -7.63 2.73
N SER B 74 1.43 -6.69 1.87
CA SER B 74 0.54 -6.20 0.82
C SER B 74 0.26 -7.22 -0.28
N GLN B 75 1.10 -8.25 -0.39
CA GLN B 75 0.93 -9.30 -1.39
C GLN B 75 -0.14 -10.31 -0.98
N GLN B 76 -0.47 -10.37 0.30
CA GLN B 76 -1.39 -11.41 0.77
C GLN B 76 -2.83 -11.08 0.37
N ARG B 77 -3.58 -12.11 0.01
CA ARG B 77 -4.95 -11.94 -0.45
C ARG B 77 -5.89 -12.88 0.23
N GLY B 78 -7.14 -12.45 0.38
CA GLY B 78 -8.22 -13.33 0.79
C GLY B 78 -8.23 -13.68 2.26
N GLU B 79 -8.04 -14.97 2.55
CA GLU B 79 -8.01 -15.45 3.92
C GLU B 79 -6.56 -15.50 4.36
N ILE B 80 -6.20 -14.62 5.29
CA ILE B 80 -4.83 -14.38 5.64
C ILE B 80 -4.59 -14.68 7.12
N GLU B 81 -3.65 -15.57 7.41
CA GLU B 81 -3.35 -15.92 8.81
C GLU B 81 -2.15 -15.15 9.33
N PHE B 82 -2.34 -14.51 10.48
CA PHE B 82 -1.28 -13.76 11.14
C PHE B 82 -0.82 -14.51 12.35
N GLU B 83 0.48 -14.48 12.61
CA GLU B 83 1.00 -14.92 13.89
C GLU B 83 1.49 -13.65 14.59
N VAL B 84 0.89 -13.35 15.73
CA VAL B 84 1.16 -12.09 16.41
C VAL B 84 1.39 -12.29 17.90
N VAL B 85 2.01 -11.31 18.53
CA VAL B 85 2.18 -11.31 19.97
C VAL B 85 2.15 -9.89 20.52
N TYR B 86 1.42 -9.70 21.62
CA TYR B 86 1.40 -8.42 22.30
C TYR B 86 2.38 -8.45 23.46
N VAL B 87 3.37 -7.57 23.40
CA VAL B 87 4.37 -7.47 24.45
C VAL B 87 4.16 -6.20 25.27
N ARG C 4 11.39 8.71 14.50
CA ARG C 4 12.67 8.07 14.20
C ARG C 4 12.46 6.79 13.39
N HIS C 5 11.35 6.09 13.65
CA HIS C 5 11.02 4.89 12.89
C HIS C 5 9.88 5.14 11.90
N PRO C 6 9.94 4.46 10.74
CA PRO C 6 8.97 4.67 9.66
C PRO C 6 7.61 4.03 9.96
N THR C 7 6.57 4.64 9.42
CA THR C 7 5.23 4.07 9.50
C THR C 7 4.67 3.98 8.09
N SER C 8 4.05 2.84 7.77
CA SER C 8 3.37 2.66 6.51
C SER C 8 1.93 2.26 6.76
N ILE C 9 1.02 2.82 5.97
CA ILE C 9 -0.37 2.41 5.98
C ILE C 9 -0.51 1.33 4.92
N ILE C 10 -1.08 0.18 5.29
CA ILE C 10 -1.16 -0.97 4.40
C ILE C 10 -2.50 -1.68 4.53
N PRO D 6 7.50 20.13 -9.09
CA PRO D 6 7.66 19.41 -10.36
C PRO D 6 6.47 18.51 -10.67
N THR D 7 5.97 18.59 -11.89
CA THR D 7 4.81 17.82 -12.31
C THR D 7 5.17 16.91 -13.46
N SER D 8 4.77 15.64 -13.37
CA SER D 8 4.92 14.71 -14.47
C SER D 8 3.55 14.29 -14.93
N ILE D 9 3.48 13.89 -16.19
CA ILE D 9 2.26 13.29 -16.73
C ILE D 9 2.58 11.88 -17.19
N ILE D 10 1.69 10.95 -16.88
CA ILE D 10 1.87 9.55 -17.23
C ILE D 10 0.63 9.01 -17.91
#